data_4LY0
#
_entry.id   4LY0
#
_cell.length_a   96.641
_cell.length_b   65.286
_cell.length_c   135.805
_cell.angle_alpha   90.00
_cell.angle_beta   111.73
_cell.angle_gamma   90.00
#
_symmetry.space_group_name_H-M   'C 1 2 1'
#
loop_
_entity.id
_entity.type
_entity.pdbx_description
1 polymer 'WlaRD, a sugar 3N-formyl transferase'
2 non-polymer 'N-{4-[{[(6S)-2-amino-4-oxo-3,4,5,6,7,8-hexahydropteridin-6-yl]methyl}(formyl)amino]benzoyl}-L-glutamic acid'
3 non-polymer "2'DEOXY-THYMIDINE-5'-DIPHOSPHO-ALPHA-D-GLUCOSE"
4 non-polymer '3[N-MORPHOLINO]PROPANE SULFONIC ACID'
5 non-polymer 1,2-ETHANEDIOL
6 water water
#
_entity_poly.entity_id   1
_entity_poly.type   'polypeptide(L)'
_entity_poly.pdbx_seq_one_letter_code
;GHMIKICIAGKNNIAVNSLQFILKNYFEADQIVVIPNKNDKGIDSWQKSLLKFALDNNIKIVTLDEIYNIEQIIFFSLEF
DQIIKIENFKSDRLFNIHFSALPKYKGVFTSITPILNNELESGVTLHRIDNGIDTGNIIDQHCFPIDINDTARDLYFNYL
KYGESIFKKNIQTIINNSYKDLKQTNINSSYFSRKDINLVHKINFKKTSFEIHNQIRAFIFQEYQLPIINNSKIIKSILA
NEFIGYNVFEEFENYFIISGIDGFKIIAQKLNKL
;
_entity_poly.pdbx_strand_id   A,B
#
loop_
_chem_comp.id
_chem_comp.type
_chem_comp.name
_chem_comp.formula
1YA non-polymer 'N-{4-[{[(6S)-2-amino-4-oxo-3,4,5,6,7,8-hexahydropteridin-6-yl]methyl}(formyl)amino]benzoyl}-L-glutamic acid' 'C20 H23 N7 O7'
DAU non-polymer 2'DEOXY-THYMIDINE-5'-DIPHOSPHO-ALPHA-D-GLUCOSE 'C16 H26 N2 O16 P2'
EDO non-polymer 1,2-ETHANEDIOL 'C2 H6 O2'
MPO non-polymer '3[N-MORPHOLINO]PROPANE SULFONIC ACID' 'C7 H15 N O4 S'
#
# COMPACT_ATOMS: atom_id res chain seq x y z
N HIS A 2 -46.06 -4.61 -2.93
CA HIS A 2 -46.39 -3.29 -3.51
C HIS A 2 -46.17 -3.37 -5.04
N MET A 3 -46.88 -2.54 -5.80
CA MET A 3 -46.67 -2.41 -7.26
C MET A 3 -45.18 -2.24 -7.64
N ILE A 4 -44.55 -1.23 -7.06
CA ILE A 4 -43.10 -1.00 -7.31
C ILE A 4 -42.19 -2.04 -6.70
N LYS A 5 -41.37 -2.70 -7.49
CA LYS A 5 -40.53 -3.78 -7.01
C LYS A 5 -39.08 -3.38 -6.81
N ILE A 6 -38.62 -2.33 -7.53
CA ILE A 6 -37.18 -2.06 -7.57
C ILE A 6 -36.93 -0.59 -7.82
N CYS A 7 -35.93 -0.05 -7.13
CA CYS A 7 -35.41 1.28 -7.41
C CYS A 7 -33.96 1.17 -7.86
N ILE A 8 -33.67 1.73 -9.05
CA ILE A 8 -32.27 1.90 -9.49
C ILE A 8 -31.85 3.34 -9.23
N ALA A 9 -30.73 3.53 -8.52
CA ALA A 9 -30.28 4.81 -7.99
C ALA A 9 -28.82 4.99 -8.39
N GLY A 10 -28.52 6.07 -9.12
CA GLY A 10 -27.09 6.34 -9.48
C GLY A 10 -26.97 6.86 -10.90
N LYS A 11 -25.91 6.42 -11.57
CA LYS A 11 -25.49 7.11 -12.81
C LYS A 11 -24.67 6.21 -13.67
N ASN A 12 -24.49 6.74 -14.89
CA ASN A 12 -23.52 6.30 -15.84
C ASN A 12 -23.94 4.99 -16.46
N ASN A 13 -23.09 4.38 -17.28
CA ASN A 13 -23.56 3.28 -18.05
C ASN A 13 -23.85 2.01 -17.26
N ILE A 14 -23.21 1.88 -16.11
CA ILE A 14 -23.53 0.78 -15.24
C ILE A 14 -24.99 0.89 -14.81
N ALA A 15 -25.46 2.06 -14.42
CA ALA A 15 -26.85 2.23 -13.98
C ALA A 15 -27.80 2.07 -15.17
N VAL A 16 -27.47 2.72 -16.28
CA VAL A 16 -28.36 2.72 -17.45
C VAL A 16 -28.50 1.30 -17.98
N ASN A 17 -27.39 0.60 -18.14
CA ASN A 17 -27.39 -0.73 -18.70
C ASN A 17 -28.02 -1.80 -17.81
N SER A 18 -27.89 -1.60 -16.51
CA SER A 18 -28.41 -2.56 -15.51
C SER A 18 -29.94 -2.36 -15.49
N LEU A 19 -30.39 -1.12 -15.58
CA LEU A 19 -31.81 -0.81 -15.67
C LEU A 19 -32.41 -1.37 -16.95
N GLN A 20 -31.74 -1.14 -18.07
CA GLN A 20 -32.15 -1.73 -19.34
CA GLN A 20 -32.17 -1.75 -19.33
C GLN A 20 -32.34 -3.25 -19.20
N PHE A 21 -31.43 -3.91 -18.49
CA PHE A 21 -31.44 -5.36 -18.33
C PHE A 21 -32.66 -5.79 -17.51
N ILE A 22 -33.00 -5.05 -16.47
CA ILE A 22 -34.17 -5.36 -15.63
C ILE A 22 -35.44 -5.14 -16.46
N LEU A 23 -35.51 -4.03 -17.18
CA LEU A 23 -36.64 -3.72 -18.08
C LEU A 23 -36.88 -4.82 -19.11
N LYS A 24 -35.84 -5.43 -19.65
CA LYS A 24 -35.88 -6.35 -20.75
C LYS A 24 -36.24 -7.71 -20.17
N ASN A 25 -35.80 -8.05 -18.96
CA ASN A 25 -35.82 -9.42 -18.53
C ASN A 25 -36.70 -9.71 -17.31
N TYR A 26 -36.91 -8.73 -16.44
CA TYR A 26 -37.51 -8.95 -15.13
C TYR A 26 -38.75 -8.15 -14.79
N PHE A 27 -38.69 -6.83 -14.90
CA PHE A 27 -39.73 -5.92 -14.49
C PHE A 27 -40.17 -4.95 -15.59
N GLU A 28 -41.44 -4.57 -15.56
CA GLU A 28 -42.05 -3.61 -16.48
C GLU A 28 -41.82 -2.24 -15.90
N ALA A 29 -41.92 -1.19 -16.71
CA ALA A 29 -41.69 0.17 -16.22
C ALA A 29 -42.44 0.54 -14.96
N ASP A 30 -43.73 0.14 -14.96
CA ASP A 30 -44.58 0.45 -13.82
C ASP A 30 -44.11 -0.19 -12.52
N GLN A 31 -43.22 -1.18 -12.56
CA GLN A 31 -42.67 -1.86 -11.40
C GLN A 31 -41.30 -1.28 -10.96
N ILE A 32 -40.84 -0.23 -11.67
CA ILE A 32 -39.50 0.34 -11.47
C ILE A 32 -39.60 1.83 -11.17
N VAL A 33 -38.79 2.32 -10.23
CA VAL A 33 -38.53 3.74 -10.06
C VAL A 33 -37.02 4.02 -10.04
N VAL A 34 -36.68 5.29 -10.27
CA VAL A 34 -35.28 5.66 -10.50
C VAL A 34 -34.97 6.92 -9.74
N ILE A 35 -33.80 6.99 -9.09
CA ILE A 35 -33.25 8.18 -8.45
C ILE A 35 -31.89 8.49 -9.10
N PRO A 36 -31.91 9.44 -10.04
CA PRO A 36 -30.65 9.89 -10.65
C PRO A 36 -29.83 10.69 -9.64
N ASN A 37 -28.53 10.76 -9.91
CA ASN A 37 -27.66 11.66 -9.16
C ASN A 37 -28.00 13.13 -9.35
N LYS A 38 -27.63 13.92 -8.36
CA LYS A 38 -27.93 15.34 -8.39
C LYS A 38 -27.36 16.03 -9.62
N ASN A 39 -26.24 15.57 -10.16
CA ASN A 39 -25.64 16.25 -11.30
C ASN A 39 -26.17 15.74 -12.65
N ASP A 40 -27.19 14.87 -12.66
CA ASP A 40 -27.55 14.24 -13.95
C ASP A 40 -28.26 15.32 -14.76
N LYS A 41 -27.67 15.65 -15.91
CA LYS A 41 -28.14 16.73 -16.78
C LYS A 41 -29.31 16.32 -17.67
N GLY A 42 -29.62 15.03 -17.73
CA GLY A 42 -30.69 14.56 -18.58
C GLY A 42 -30.38 14.53 -20.06
N ILE A 43 -29.09 14.49 -20.40
CA ILE A 43 -28.56 14.33 -21.74
C ILE A 43 -27.44 13.32 -21.63
N ASP A 44 -27.13 12.62 -22.70
CA ASP A 44 -25.97 11.76 -22.77
C ASP A 44 -24.71 12.60 -23.03
N SER A 45 -23.61 12.17 -22.41
CA SER A 45 -22.31 12.85 -22.51
C SER A 45 -21.33 11.75 -22.79
N TRP A 46 -20.17 11.69 -22.12
CA TRP A 46 -19.32 10.54 -22.36
C TRP A 46 -19.83 9.30 -21.60
N GLN A 47 -20.83 9.52 -20.76
CA GLN A 47 -21.62 8.40 -20.30
C GLN A 47 -23.08 8.72 -20.59
N LYS A 48 -23.90 7.67 -20.65
CA LYS A 48 -25.37 7.87 -20.69
C LYS A 48 -26.03 8.38 -19.43
N SER A 49 -27.12 9.15 -19.61
CA SER A 49 -27.89 9.72 -18.54
C SER A 49 -28.93 8.73 -18.04
N LEU A 50 -28.87 8.42 -16.74
CA LEU A 50 -29.96 7.61 -16.16
C LEU A 50 -31.32 8.32 -16.18
N LEU A 51 -31.35 9.62 -15.88
CA LEU A 51 -32.54 10.42 -15.92
C LEU A 51 -33.15 10.32 -17.34
N LYS A 52 -32.36 10.49 -18.38
CA LYS A 52 -32.92 10.48 -19.72
C LYS A 52 -33.49 9.11 -20.06
N PHE A 53 -32.72 8.08 -19.75
CA PHE A 53 -33.16 6.70 -20.02
C PHE A 53 -34.52 6.43 -19.34
N ALA A 54 -34.64 6.82 -18.07
CA ALA A 54 -35.86 6.60 -17.35
C ALA A 54 -37.01 7.36 -17.98
N LEU A 55 -36.86 8.66 -18.22
CA LEU A 55 -37.93 9.40 -18.86
C LEU A 55 -38.28 8.81 -20.23
N ASP A 56 -37.28 8.45 -21.01
CA ASP A 56 -37.55 7.92 -22.32
C ASP A 56 -38.40 6.65 -22.25
N ASN A 57 -38.29 5.95 -21.12
CA ASN A 57 -38.91 4.63 -20.99
C ASN A 57 -40.09 4.57 -20.01
N ASN A 58 -40.58 5.74 -19.65
CA ASN A 58 -41.78 5.97 -18.86
C ASN A 58 -41.61 5.33 -17.49
N ILE A 59 -40.39 5.44 -16.98
CA ILE A 59 -40.13 5.08 -15.55
C ILE A 59 -40.14 6.33 -14.68
N LYS A 60 -40.81 6.30 -13.52
CA LYS A 60 -40.90 7.51 -12.73
C LYS A 60 -39.60 7.83 -12.01
N ILE A 61 -39.32 9.12 -11.91
CA ILE A 61 -38.21 9.69 -11.19
C ILE A 61 -38.76 9.95 -9.82
N VAL A 62 -38.10 9.36 -8.84
CA VAL A 62 -38.44 9.59 -7.42
C VAL A 62 -37.27 10.11 -6.58
N THR A 63 -37.61 10.51 -5.35
CA THR A 63 -36.60 10.79 -4.31
C THR A 63 -36.56 9.65 -3.29
N LEU A 64 -35.54 9.65 -2.44
CA LEU A 64 -35.44 8.63 -1.41
C LEU A 64 -36.68 8.70 -0.49
N ASP A 65 -37.14 9.92 -0.20
CA ASP A 65 -38.30 10.09 0.69
C ASP A 65 -39.49 9.27 0.19
N GLU A 66 -39.63 9.22 -1.13
CA GLU A 66 -40.78 8.60 -1.79
C GLU A 66 -40.72 7.09 -1.77
N ILE A 67 -39.58 6.48 -1.49
CA ILE A 67 -39.50 5.04 -1.51
C ILE A 67 -39.33 4.41 -0.15
N TYR A 68 -39.04 5.21 0.84
CA TYR A 68 -38.74 4.62 2.17
C TYR A 68 -39.84 3.74 2.73
N ASN A 69 -41.08 4.10 2.44
CA ASN A 69 -42.20 3.28 2.90
C ASN A 69 -42.71 2.17 2.00
N ILE A 70 -42.03 1.91 0.89
CA ILE A 70 -42.43 0.84 0.00
C ILE A 70 -41.93 -0.48 0.57
N GLU A 71 -42.88 -1.24 1.08
CA GLU A 71 -42.58 -2.57 1.58
CA GLU A 71 -42.51 -2.54 1.61
C GLU A 71 -41.85 -3.42 0.55
N GLN A 72 -40.80 -4.09 0.98
CA GLN A 72 -40.07 -5.09 0.22
C GLN A 72 -39.39 -4.59 -1.06
N ILE A 73 -39.32 -3.29 -1.20
CA ILE A 73 -38.64 -2.78 -2.38
C ILE A 73 -37.19 -3.20 -2.46
N ILE A 74 -36.68 -3.55 -3.65
CA ILE A 74 -35.25 -3.73 -3.84
C ILE A 74 -34.63 -2.36 -4.10
N PHE A 75 -33.69 -1.89 -3.27
CA PHE A 75 -32.97 -0.61 -3.51
C PHE A 75 -31.58 -0.99 -4.01
N PHE A 76 -31.22 -0.53 -5.21
CA PHE A 76 -29.96 -0.87 -5.83
C PHE A 76 -29.20 0.39 -6.24
N SER A 77 -28.11 0.64 -5.51
CA SER A 77 -27.18 1.75 -5.82
C SER A 77 -26.10 1.33 -6.82
N LEU A 78 -26.04 2.11 -7.90
CA LEU A 78 -25.07 1.86 -8.97
C LEU A 78 -24.43 3.24 -9.22
N GLU A 79 -23.33 3.53 -8.55
CA GLU A 79 -22.73 4.83 -8.48
C GLU A 79 -23.62 5.94 -7.98
N PHE A 80 -24.40 5.66 -6.95
CA PHE A 80 -25.26 6.65 -6.35
C PHE A 80 -24.49 7.61 -5.47
N ASP A 81 -24.95 8.85 -5.39
CA ASP A 81 -24.22 9.94 -4.74
C ASP A 81 -24.71 10.26 -3.34
N GLN A 82 -25.58 9.44 -2.76
CA GLN A 82 -26.08 9.72 -1.40
C GLN A 82 -25.78 8.60 -0.42
N ILE A 83 -25.46 8.95 0.81
CA ILE A 83 -25.29 7.95 1.85
C ILE A 83 -26.67 7.59 2.43
N ILE A 84 -26.93 6.31 2.52
CA ILE A 84 -28.25 5.83 2.99
C ILE A 84 -28.16 5.70 4.50
N LYS A 85 -29.31 5.86 5.16
CA LYS A 85 -29.51 5.48 6.58
C LYS A 85 -30.59 4.42 6.61
N ILE A 86 -30.21 3.22 6.98
CA ILE A 86 -30.99 2.03 6.69
C ILE A 86 -32.30 2.02 7.50
N GLU A 87 -32.27 2.76 8.59
CA GLU A 87 -33.51 2.75 9.43
C GLU A 87 -34.57 3.67 8.83
N ASN A 88 -34.26 4.45 7.79
CA ASN A 88 -35.29 5.14 7.01
C ASN A 88 -36.26 4.22 6.27
N PHE A 89 -35.77 3.04 5.92
CA PHE A 89 -36.41 2.12 5.00
C PHE A 89 -37.22 1.07 5.72
N LYS A 90 -38.44 0.79 5.27
CA LYS A 90 -39.10 -0.44 5.66
C LYS A 90 -38.42 -1.69 5.20
N SER A 91 -37.91 -1.65 3.96
CA SER A 91 -37.25 -2.77 3.36
C SER A 91 -35.82 -2.84 3.86
N ASP A 92 -35.31 -4.04 3.93
CA ASP A 92 -33.95 -4.29 4.27
C ASP A 92 -33.25 -4.87 3.04
N ARG A 93 -33.82 -4.68 1.83
CA ARG A 93 -33.26 -5.26 0.62
C ARG A 93 -32.47 -4.13 -0.06
N LEU A 94 -31.33 -3.76 0.54
CA LEU A 94 -30.60 -2.57 0.08
C LEU A 94 -29.19 -2.99 -0.36
N PHE A 95 -28.78 -2.60 -1.57
CA PHE A 95 -27.61 -3.18 -2.18
C PHE A 95 -26.82 -2.05 -2.92
N ASN A 96 -25.53 -2.28 -3.07
CA ASN A 96 -24.57 -1.39 -3.78
C ASN A 96 -23.59 -2.25 -4.50
N ILE A 97 -23.11 -1.76 -5.66
CA ILE A 97 -21.90 -2.26 -6.25
C ILE A 97 -20.84 -1.17 -6.09
N HIS A 98 -19.82 -1.57 -5.34
CA HIS A 98 -18.67 -0.72 -5.08
C HIS A 98 -17.47 -1.06 -5.96
N PHE A 99 -16.92 -0.01 -6.57
CA PHE A 99 -15.79 -0.18 -7.46
C PHE A 99 -14.43 -0.34 -6.78
N SER A 100 -14.31 -1.40 -6.01
CA SER A 100 -13.02 -1.87 -5.55
C SER A 100 -13.16 -3.34 -5.16
N ALA A 101 -12.02 -3.96 -4.89
CA ALA A 101 -11.96 -5.25 -4.24
C ALA A 101 -12.03 -5.14 -2.72
N LEU A 102 -13.25 -4.99 -2.23
CA LEU A 102 -13.37 -4.83 -0.79
C LEU A 102 -12.79 -6.06 -0.11
N PRO A 103 -12.28 -5.89 1.13
CA PRO A 103 -12.40 -4.68 1.94
C PRO A 103 -11.48 -3.48 1.64
N LYS A 104 -10.56 -3.63 0.70
CA LYS A 104 -9.71 -2.51 0.37
C LYS A 104 -10.42 -1.39 -0.39
N TYR A 105 -9.95 -0.15 -0.29
CA TYR A 105 -10.45 0.96 -1.07
C TYR A 105 -11.95 1.17 -1.01
N LYS A 106 -12.44 1.15 0.24
CA LYS A 106 -13.70 1.85 0.53
C LYS A 106 -13.57 3.31 0.16
N GLY A 107 -14.69 4.01 -0.04
CA GLY A 107 -14.74 5.42 -0.25
C GLY A 107 -14.52 5.82 -1.70
N VAL A 108 -13.82 6.93 -1.91
CA VAL A 108 -13.96 7.66 -3.17
C VAL A 108 -12.76 7.45 -4.06
N PHE A 109 -12.97 7.90 -5.29
CA PHE A 109 -11.90 7.93 -6.30
C PHE A 109 -11.14 6.61 -6.47
N THR A 110 -11.90 5.53 -6.62
CA THR A 110 -11.32 4.23 -6.57
C THR A 110 -10.62 3.84 -7.90
N SER A 111 -10.77 4.66 -8.95
CA SER A 111 -9.96 4.54 -10.15
CA SER A 111 -9.94 4.50 -10.14
C SER A 111 -8.56 5.13 -9.95
N ILE A 112 -8.40 5.92 -8.91
CA ILE A 112 -7.15 6.60 -8.57
C ILE A 112 -6.42 5.83 -7.48
N THR A 113 -7.10 5.59 -6.35
CA THR A 113 -6.44 5.11 -5.16
C THR A 113 -5.68 3.77 -5.27
N PRO A 114 -6.19 2.73 -5.95
CA PRO A 114 -5.43 1.48 -6.02
C PRO A 114 -4.16 1.65 -6.87
N ILE A 115 -4.27 2.47 -7.91
CA ILE A 115 -3.12 2.75 -8.77
C ILE A 115 -2.05 3.48 -7.94
N LEU A 116 -2.44 4.56 -7.28
CA LEU A 116 -1.55 5.41 -6.49
C LEU A 116 -0.90 4.58 -5.37
N ASN A 117 -1.61 3.57 -4.88
CA ASN A 117 -1.06 2.72 -3.89
C ASN A 117 -0.46 1.42 -4.45
N ASN A 118 -0.02 1.46 -5.73
CA ASN A 118 0.83 0.39 -6.22
C ASN A 118 0.19 -0.99 -6.39
N GLU A 119 -1.15 -1.04 -6.53
CA GLU A 119 -1.82 -2.32 -6.72
C GLU A 119 -1.64 -2.84 -8.15
N LEU A 120 -1.66 -4.17 -8.23
CA LEU A 120 -1.61 -4.86 -9.51
C LEU A 120 -2.98 -5.35 -9.98
N GLU A 121 -3.97 -5.31 -9.10
CA GLU A 121 -5.34 -5.67 -9.38
C GLU A 121 -6.33 -4.81 -8.62
N SER A 122 -7.55 -4.78 -9.13
CA SER A 122 -8.68 -4.21 -8.42
C SER A 122 -9.87 -5.20 -8.57
N GLY A 123 -11.08 -4.70 -8.40
CA GLY A 123 -12.30 -5.49 -8.49
C GLY A 123 -13.53 -4.66 -8.33
N VAL A 124 -14.67 -5.31 -8.58
CA VAL A 124 -15.97 -4.79 -8.26
C VAL A 124 -16.58 -5.67 -7.20
N THR A 125 -17.34 -5.04 -6.30
CA THR A 125 -17.91 -5.85 -5.23
C THR A 125 -19.38 -5.47 -5.03
N LEU A 126 -20.25 -6.50 -5.10
CA LEU A 126 -21.68 -6.37 -4.77
C LEU A 126 -21.86 -6.69 -3.28
N HIS A 127 -22.46 -5.78 -2.51
CA HIS A 127 -22.61 -5.96 -1.07
C HIS A 127 -23.94 -5.40 -0.63
N ARG A 128 -24.39 -5.87 0.53
CA ARG A 128 -25.44 -5.20 1.23
C ARG A 128 -25.00 -3.84 1.74
N ILE A 129 -25.92 -2.92 1.69
CA ILE A 129 -25.80 -1.64 2.31
C ILE A 129 -26.10 -1.73 3.81
N ASP A 130 -25.14 -1.30 4.64
CA ASP A 130 -25.35 -0.99 6.06
C ASP A 130 -25.09 0.48 6.29
N ASN A 131 -25.10 0.99 7.51
CA ASN A 131 -24.94 2.40 7.69
C ASN A 131 -23.55 3.01 7.50
N GLY A 132 -22.56 2.15 7.43
CA GLY A 132 -21.17 2.54 7.15
C GLY A 132 -20.90 2.60 5.64
N ILE A 133 -19.83 3.29 5.27
CA ILE A 133 -19.53 3.55 3.85
C ILE A 133 -18.85 2.33 3.31
N ASP A 134 -19.49 1.58 2.41
CA ASP A 134 -18.93 0.41 1.73
C ASP A 134 -18.45 -0.73 2.65
N THR A 135 -19.11 -0.84 3.81
CA THR A 135 -18.85 -1.75 4.90
C THR A 135 -19.68 -3.01 5.02
N GLY A 136 -20.81 -3.03 4.32
CA GLY A 136 -21.72 -4.16 4.46
C GLY A 136 -21.25 -5.45 3.86
N ASN A 137 -21.99 -6.51 4.16
CA ASN A 137 -21.57 -7.84 3.82
C ASN A 137 -21.48 -8.06 2.34
N ILE A 138 -20.42 -8.77 1.95
CA ILE A 138 -20.11 -9.01 0.55
C ILE A 138 -20.94 -10.17 -0.01
N ILE A 139 -21.63 -9.91 -1.13
CA ILE A 139 -22.38 -10.95 -1.85
C ILE A 139 -21.56 -11.58 -2.96
N ASP A 140 -20.85 -10.79 -3.74
CA ASP A 140 -20.09 -11.35 -4.85
C ASP A 140 -18.99 -10.34 -5.13
N GLN A 141 -17.88 -10.83 -5.67
CA GLN A 141 -16.75 -10.01 -6.06
C GLN A 141 -16.10 -10.56 -7.29
N HIS A 142 -15.66 -9.66 -8.17
CA HIS A 142 -14.93 -10.05 -9.37
C HIS A 142 -13.65 -9.22 -9.41
N CYS A 143 -12.50 -9.89 -9.25
CA CYS A 143 -11.18 -9.27 -9.31
C CYS A 143 -10.69 -9.30 -10.73
N PHE A 144 -9.94 -8.27 -11.12
CA PHE A 144 -9.32 -8.19 -12.44
C PHE A 144 -8.00 -7.38 -12.38
N PRO A 145 -7.15 -7.56 -13.41
CA PRO A 145 -5.86 -6.87 -13.32
C PRO A 145 -5.93 -5.38 -13.60
N ILE A 146 -5.04 -4.66 -12.92
CA ILE A 146 -4.65 -3.34 -13.39
C ILE A 146 -3.37 -3.54 -14.22
N ASP A 147 -3.48 -3.50 -15.55
CA ASP A 147 -2.31 -3.72 -16.38
C ASP A 147 -1.32 -2.59 -16.10
N ILE A 148 -0.03 -2.84 -16.41
CA ILE A 148 1.04 -1.99 -15.97
C ILE A 148 0.90 -0.57 -16.53
N ASN A 149 0.35 -0.36 -17.73
CA ASN A 149 0.23 0.97 -18.28
C ASN A 149 -1.20 1.46 -18.33
N ASP A 150 -2.09 0.78 -17.58
CA ASP A 150 -3.47 1.28 -17.44
C ASP A 150 -3.46 2.63 -16.75
N THR A 151 -4.34 3.50 -17.24
CA THR A 151 -4.61 4.74 -16.52
C THR A 151 -5.84 4.63 -15.56
N ALA A 152 -6.07 5.66 -14.78
CA ALA A 152 -7.34 5.74 -14.00
C ALA A 152 -8.58 5.61 -14.88
N ARG A 153 -8.55 6.24 -16.05
CA ARG A 153 -9.67 6.14 -16.97
C ARG A 153 -9.86 4.69 -17.40
N ASP A 154 -8.79 3.99 -17.77
CA ASP A 154 -8.86 2.60 -18.20
C ASP A 154 -9.48 1.76 -17.09
N LEU A 155 -8.98 1.98 -15.88
CA LEU A 155 -9.53 1.25 -14.73
C LEU A 155 -11.01 1.57 -14.53
N TYR A 156 -11.41 2.86 -14.62
CA TYR A 156 -12.83 3.24 -14.47
C TYR A 156 -13.72 2.49 -15.48
N PHE A 157 -13.30 2.44 -16.75
CA PHE A 157 -14.07 1.68 -17.77
C PHE A 157 -14.12 0.17 -17.51
N ASN A 158 -13.09 -0.39 -16.89
CA ASN A 158 -13.16 -1.73 -16.39
C ASN A 158 -14.20 -1.89 -15.26
N TYR A 159 -14.30 -0.92 -14.34
CA TYR A 159 -15.26 -1.02 -13.23
C TYR A 159 -16.66 -1.01 -13.88
N LEU A 160 -16.87 -0.14 -14.85
CA LEU A 160 -18.20 -0.04 -15.47
C LEU A 160 -18.60 -1.38 -16.08
N LYS A 161 -17.69 -1.98 -16.85
CA LYS A 161 -17.90 -3.23 -17.55
C LYS A 161 -18.13 -4.41 -16.58
N TYR A 162 -17.20 -4.57 -15.64
CA TYR A 162 -17.28 -5.71 -14.70
C TYR A 162 -18.41 -5.44 -13.74
N GLY A 163 -18.68 -4.18 -13.39
CA GLY A 163 -19.79 -3.87 -12.51
C GLY A 163 -21.15 -4.21 -13.12
N GLU A 164 -21.32 -3.88 -14.40
CA GLU A 164 -22.55 -4.24 -15.11
C GLU A 164 -22.62 -5.78 -15.11
N SER A 165 -21.52 -6.48 -15.40
CA SER A 165 -21.62 -7.94 -15.43
CA SER A 165 -21.54 -7.94 -15.43
C SER A 165 -21.92 -8.55 -14.09
N ILE A 166 -21.37 -8.02 -12.98
CA ILE A 166 -21.65 -8.63 -11.70
C ILE A 166 -23.09 -8.36 -11.28
N PHE A 167 -23.65 -7.25 -11.75
CA PHE A 167 -25.08 -6.98 -11.55
C PHE A 167 -25.92 -8.09 -12.20
N LYS A 168 -25.66 -8.33 -13.49
CA LYS A 168 -26.41 -9.30 -14.24
C LYS A 168 -26.26 -10.69 -13.68
N LYS A 169 -25.06 -11.03 -13.21
CA LYS A 169 -24.83 -12.32 -12.59
C LYS A 169 -25.66 -12.63 -11.35
N ASN A 170 -25.89 -11.61 -10.54
CA ASN A 170 -26.47 -11.83 -9.24
C ASN A 170 -27.91 -11.33 -9.12
N ILE A 171 -28.41 -10.54 -10.07
CA ILE A 171 -29.69 -9.89 -9.86
C ILE A 171 -30.88 -10.86 -9.59
N GLN A 172 -30.87 -12.04 -10.17
CA GLN A 172 -32.04 -12.95 -9.94
C GLN A 172 -32.03 -13.44 -8.50
N THR A 173 -30.85 -13.72 -7.93
CA THR A 173 -30.79 -14.16 -6.54
C THR A 173 -31.19 -13.04 -5.59
N ILE A 174 -30.96 -11.80 -6.01
CA ILE A 174 -31.36 -10.68 -5.21
C ILE A 174 -32.85 -10.54 -5.27
N ILE A 175 -33.39 -10.64 -6.46
CA ILE A 175 -34.85 -10.51 -6.60
C ILE A 175 -35.54 -11.66 -5.81
N ASN A 176 -34.96 -12.84 -5.86
CA ASN A 176 -35.54 -14.02 -5.17
C ASN A 176 -35.17 -14.06 -3.68
N ASN A 177 -34.39 -13.08 -3.23
CA ASN A 177 -33.83 -13.08 -1.88
C ASN A 177 -33.21 -14.40 -1.42
N SER A 178 -32.38 -14.99 -2.26
CA SER A 178 -31.76 -16.29 -2.05
C SER A 178 -30.24 -16.17 -2.12
N TYR A 179 -29.74 -14.94 -2.09
CA TYR A 179 -28.28 -14.78 -2.14
C TYR A 179 -27.67 -15.07 -0.78
N LYS A 180 -26.35 -15.29 -0.77
CA LYS A 180 -25.57 -15.53 0.45
C LYS A 180 -24.51 -14.44 0.52
N ASP A 181 -24.14 -14.07 1.74
CA ASP A 181 -23.10 -13.03 1.90
C ASP A 181 -22.18 -13.38 3.08
N LEU A 182 -21.09 -12.63 3.21
CA LEU A 182 -20.13 -12.87 4.29
CA LEU A 182 -20.14 -12.85 4.29
C LEU A 182 -19.69 -11.50 4.80
N LYS A 183 -19.59 -11.33 6.12
CA LYS A 183 -19.10 -10.05 6.63
C LYS A 183 -17.66 -9.75 6.21
N GLN A 184 -17.40 -8.47 6.02
CA GLN A 184 -16.05 -8.03 5.67
C GLN A 184 -15.10 -8.17 6.87
N THR A 185 -13.86 -8.52 6.59
CA THR A 185 -12.82 -8.62 7.61
C THR A 185 -12.39 -7.20 8.07
N ASN A 186 -11.84 -7.11 9.27
CA ASN A 186 -11.21 -5.86 9.69
C ASN A 186 -9.82 -5.64 9.07
N ILE A 187 -9.14 -6.75 8.80
CA ILE A 187 -7.79 -6.65 8.30
C ILE A 187 -7.95 -6.35 6.81
N ASN A 188 -6.93 -5.73 6.24
CA ASN A 188 -6.97 -5.22 4.87
C ASN A 188 -7.96 -4.09 4.51
N SER A 189 -8.84 -3.69 5.43
CA SER A 189 -9.78 -2.64 5.17
C SER A 189 -9.11 -1.30 5.09
N SER A 190 -9.37 -0.60 3.99
CA SER A 190 -8.88 0.76 3.78
C SER A 190 -9.96 1.61 3.15
N TYR A 191 -9.78 2.91 3.33
CA TYR A 191 -10.69 3.95 2.97
C TYR A 191 -10.07 5.26 2.60
N PHE A 192 -10.59 5.91 1.54
CA PHE A 192 -10.21 7.25 1.18
C PHE A 192 -11.42 8.15 1.09
N SER A 193 -11.32 9.37 1.60
CA SER A 193 -12.28 10.42 1.32
C SER A 193 -11.65 11.54 0.45
N ARG A 194 -12.47 12.50 0.05
CA ARG A 194 -12.09 13.49 -0.95
C ARG A 194 -10.88 14.27 -0.46
N LYS A 195 -10.84 14.59 0.83
CA LYS A 195 -9.70 15.24 1.43
C LYS A 195 -8.37 14.52 1.28
N ASP A 196 -8.37 13.22 1.07
CA ASP A 196 -7.15 12.45 0.97
C ASP A 196 -6.47 12.52 -0.39
N ILE A 197 -7.16 13.06 -1.39
CA ILE A 197 -6.59 13.03 -2.73
C ILE A 197 -6.60 14.44 -3.31
N ASN A 198 -5.41 14.92 -3.67
CA ASN A 198 -5.30 16.19 -4.36
C ASN A 198 -5.18 15.84 -5.84
N LEU A 199 -6.22 16.23 -6.54
CA LEU A 199 -6.38 15.93 -7.93
C LEU A 199 -5.40 16.69 -8.79
N VAL A 200 -4.70 17.68 -8.22
CA VAL A 200 -3.59 18.31 -8.93
C VAL A 200 -2.36 17.71 -8.29
N HIS A 201 -1.94 16.57 -8.82
CA HIS A 201 -0.92 15.80 -8.13
C HIS A 201 0.46 16.36 -8.44
N LYS A 202 1.24 16.52 -7.38
CA LYS A 202 2.66 16.90 -7.49
C LYS A 202 3.54 15.65 -7.38
N ILE A 203 4.25 15.31 -8.45
CA ILE A 203 4.92 14.02 -8.51
C ILE A 203 6.14 14.09 -7.58
N ASN A 204 6.37 13.00 -6.85
CA ASN A 204 7.52 12.85 -6.00
C ASN A 204 8.47 11.99 -6.77
N PHE A 205 9.55 12.60 -7.25
CA PHE A 205 10.45 11.84 -8.10
C PHE A 205 11.51 11.06 -7.30
N LYS A 206 11.57 11.24 -5.98
CA LYS A 206 12.60 10.57 -5.18
C LYS A 206 11.95 9.24 -4.79
N LYS A 207 11.63 8.44 -5.80
CA LYS A 207 10.80 7.25 -5.71
C LYS A 207 11.30 6.27 -6.76
N THR A 208 10.79 5.06 -6.75
CA THR A 208 11.14 4.12 -7.82
C THR A 208 10.44 4.52 -9.13
N SER A 209 10.87 3.92 -10.25
CA SER A 209 10.20 4.15 -11.55
C SER A 209 8.72 3.71 -11.49
N PHE A 210 8.51 2.56 -10.87
CA PHE A 210 7.16 1.99 -10.73
C PHE A 210 6.28 3.02 -9.99
N GLU A 211 6.80 3.54 -8.89
CA GLU A 211 6.06 4.55 -8.13
C GLU A 211 5.86 5.84 -8.90
N ILE A 212 6.89 6.36 -9.59
CA ILE A 212 6.67 7.56 -10.38
C ILE A 212 5.61 7.37 -11.49
N HIS A 213 5.71 6.27 -12.24
CA HIS A 213 4.78 5.79 -13.25
C HIS A 213 3.35 5.74 -12.71
N ASN A 214 3.27 5.12 -11.55
CA ASN A 214 1.95 4.98 -10.87
C ASN A 214 1.38 6.33 -10.47
N GLN A 215 2.18 7.26 -9.98
CA GLN A 215 1.76 8.60 -9.68
C GLN A 215 1.19 9.35 -10.88
N ILE A 216 1.85 9.20 -12.02
CA ILE A 216 1.35 9.77 -13.25
C ILE A 216 0.04 9.16 -13.71
N ARG A 217 0.00 7.86 -13.91
CA ARG A 217 -1.13 7.24 -14.58
C ARG A 217 -2.38 7.21 -13.68
N ALA A 218 -2.15 7.28 -12.36
CA ALA A 218 -3.30 7.37 -11.45
C ALA A 218 -4.17 8.60 -11.66
N PHE A 219 -3.65 9.64 -12.29
CA PHE A 219 -4.31 10.92 -12.53
C PHE A 219 -4.67 11.12 -13.98
N ILE A 220 -4.44 10.14 -14.85
CA ILE A 220 -4.77 10.31 -16.27
C ILE A 220 -6.23 9.91 -16.38
N PHE A 221 -7.06 10.94 -16.51
CA PHE A 221 -8.50 10.73 -16.74
C PHE A 221 -9.06 11.97 -17.42
N GLN A 222 -8.85 12.01 -18.74
CA GLN A 222 -8.89 13.26 -19.51
C GLN A 222 -10.18 14.08 -19.35
N GLU A 223 -11.31 13.39 -19.19
CA GLU A 223 -12.61 14.06 -18.97
C GLU A 223 -12.57 14.97 -17.75
N TYR A 224 -11.68 14.65 -16.81
CA TYR A 224 -11.48 15.45 -15.61
C TYR A 224 -10.18 16.25 -15.59
N GLN A 225 -9.05 15.55 -15.66
CA GLN A 225 -7.72 16.15 -15.61
C GLN A 225 -6.70 15.22 -16.18
N LEU A 226 -5.59 15.84 -16.52
CA LEU A 226 -4.34 15.11 -16.76
C LEU A 226 -3.22 15.68 -15.90
N PRO A 227 -2.33 14.82 -15.36
CA PRO A 227 -1.19 15.24 -14.60
C PRO A 227 -0.23 16.06 -15.53
N ILE A 228 0.46 16.99 -14.91
CA ILE A 228 1.21 18.00 -15.67
C ILE A 228 2.65 17.88 -15.20
N ILE A 229 3.59 17.92 -16.15
CA ILE A 229 5.02 17.93 -15.84
C ILE A 229 5.57 19.10 -16.66
N ASN A 230 6.28 19.99 -15.97
CA ASN A 230 6.76 21.26 -16.51
C ASN A 230 5.76 21.91 -17.44
N ASN A 231 4.57 22.23 -16.97
CA ASN A 231 3.58 22.78 -17.93
C ASN A 231 3.08 21.99 -19.15
N SER A 232 3.36 20.69 -19.29
CA SER A 232 2.71 19.89 -20.31
C SER A 232 1.84 18.76 -19.69
N LYS A 233 0.62 18.64 -20.18
CA LYS A 233 -0.25 17.56 -19.77
C LYS A 233 0.25 16.24 -20.34
N ILE A 234 0.13 15.19 -19.53
CA ILE A 234 0.56 13.84 -19.90
C ILE A 234 -0.68 13.01 -20.16
N ILE A 235 -0.71 12.36 -21.33
CA ILE A 235 -1.80 11.49 -21.76
C ILE A 235 -1.55 10.00 -21.55
N LYS A 236 -0.30 9.57 -21.41
CA LYS A 236 0.01 8.17 -21.23
C LYS A 236 1.38 8.03 -20.60
N SER A 237 1.51 7.08 -19.68
CA SER A 237 2.80 6.66 -19.14
C SER A 237 3.11 5.22 -19.50
N ILE A 238 4.34 4.91 -19.94
CA ILE A 238 4.72 3.58 -20.35
CA ILE A 238 4.71 3.56 -20.34
C ILE A 238 5.93 3.18 -19.50
N LEU A 239 5.79 2.12 -18.70
CA LEU A 239 6.89 1.65 -17.88
C LEU A 239 7.48 0.37 -18.46
N ALA A 240 8.81 0.36 -18.63
CA ALA A 240 9.54 -0.75 -19.20
C ALA A 240 10.56 -1.27 -18.18
N ASN A 241 11.01 -2.49 -18.43
CA ASN A 241 12.08 -2.97 -17.56
CA ASN A 241 12.08 -3.13 -17.67
C ASN A 241 13.49 -2.74 -18.09
N GLU A 242 13.62 -1.83 -19.05
CA GLU A 242 14.93 -1.42 -19.49
C GLU A 242 15.56 -0.56 -18.39
N PHE A 243 16.78 -0.89 -17.99
CA PHE A 243 17.55 -0.02 -17.12
C PHE A 243 18.23 1.12 -17.90
N ILE A 244 18.03 2.37 -17.50
CA ILE A 244 18.57 3.53 -18.18
C ILE A 244 19.46 4.40 -17.31
N GLY A 245 19.80 3.88 -16.13
CA GLY A 245 20.47 4.66 -15.13
C GLY A 245 19.49 5.27 -14.12
N TYR A 246 20.02 5.68 -12.97
CA TYR A 246 19.18 6.14 -11.87
C TYR A 246 18.81 7.62 -12.04
N ASN A 247 17.58 7.96 -11.67
CA ASN A 247 17.16 9.35 -11.61
C ASN A 247 17.34 10.16 -12.90
N VAL A 248 16.95 9.55 -14.00
CA VAL A 248 16.88 10.25 -15.28
C VAL A 248 15.66 11.16 -15.35
N PHE A 249 15.88 12.37 -15.91
CA PHE A 249 14.77 13.26 -16.28
C PHE A 249 15.18 14.11 -17.49
N GLU A 250 14.54 13.82 -18.63
CA GLU A 250 14.84 14.60 -19.85
CA GLU A 250 14.85 14.60 -19.84
C GLU A 250 13.55 14.87 -20.59
N GLU A 251 13.34 16.14 -20.96
CA GLU A 251 12.13 16.59 -21.66
C GLU A 251 12.46 16.67 -23.15
N PHE A 252 11.59 16.09 -23.94
CA PHE A 252 11.65 16.20 -25.40
C PHE A 252 10.37 16.87 -25.87
N GLU A 253 10.29 17.14 -27.17
CA GLU A 253 9.12 17.85 -27.67
C GLU A 253 7.82 17.08 -27.40
N ASN A 254 7.82 15.77 -27.55
CA ASN A 254 6.58 14.99 -27.51
C ASN A 254 6.40 14.13 -26.23
N TYR A 255 7.43 14.07 -25.40
CA TYR A 255 7.46 13.08 -24.28
C TYR A 255 8.61 13.43 -23.31
N PHE A 256 8.58 12.83 -22.12
CA PHE A 256 9.64 12.90 -21.14
C PHE A 256 10.17 11.49 -21.03
N ILE A 257 11.46 11.36 -20.80
CA ILE A 257 12.09 10.12 -20.42
C ILE A 257 12.48 10.31 -18.96
N ILE A 258 12.08 9.35 -18.13
CA ILE A 258 12.22 9.49 -16.67
C ILE A 258 12.60 8.14 -16.11
N SER A 259 13.43 8.13 -15.07
CA SER A 259 13.61 6.95 -14.23
C SER A 259 13.76 7.45 -12.80
N GLY A 260 13.36 6.56 -11.90
CA GLY A 260 13.47 6.81 -10.48
C GLY A 260 14.73 6.20 -9.91
N ILE A 261 14.71 5.90 -8.61
CA ILE A 261 15.90 5.49 -7.87
C ILE A 261 16.44 4.13 -8.25
N ASP A 262 15.58 3.38 -8.92
CA ASP A 262 15.93 2.08 -9.42
C ASP A 262 16.18 2.00 -10.93
N GLY A 263 16.06 3.12 -11.60
CA GLY A 263 16.58 3.33 -12.98
C GLY A 263 15.82 2.69 -14.11
N PHE A 264 14.58 2.24 -13.92
CA PHE A 264 13.82 1.70 -15.03
C PHE A 264 13.15 2.77 -15.89
N LYS A 265 13.09 2.51 -17.19
CA LYS A 265 12.64 3.54 -18.10
C LYS A 265 11.13 3.73 -18.10
N ILE A 266 10.76 5.00 -17.95
CA ILE A 266 9.44 5.55 -18.18
C ILE A 266 9.48 6.49 -19.40
N ILE A 267 8.47 6.36 -20.26
CA ILE A 267 8.11 7.35 -21.24
C ILE A 267 6.77 7.98 -20.83
N ALA A 268 6.78 9.27 -20.54
CA ALA A 268 5.59 10.01 -20.25
C ALA A 268 5.28 10.83 -21.52
N GLN A 269 4.29 10.35 -22.24
CA GLN A 269 3.83 10.98 -23.49
C GLN A 269 2.99 12.23 -23.30
N LYS A 270 3.38 13.32 -23.95
CA LYS A 270 2.65 14.58 -23.80
C LYS A 270 1.35 14.52 -24.62
N LEU A 271 0.26 15.08 -24.08
CA LEU A 271 -0.96 15.27 -24.87
C LEU A 271 -0.62 16.07 -26.15
N ASN A 272 -1.07 15.57 -27.29
CA ASN A 272 -1.12 16.39 -28.52
C ASN A 272 -1.98 17.65 -28.42
N GLY B 1 44.74 -14.17 -1.92
CA GLY B 1 45.96 -13.33 -2.12
C GLY B 1 46.31 -12.53 -0.90
N HIS B 2 45.35 -11.73 -0.43
CA HIS B 2 45.52 -10.81 0.70
C HIS B 2 45.21 -11.49 2.04
N MET B 3 45.81 -10.94 3.10
CA MET B 3 45.64 -11.42 4.46
C MET B 3 44.20 -11.20 4.95
N ILE B 4 43.63 -10.04 4.66
CA ILE B 4 42.22 -9.74 4.97
C ILE B 4 41.24 -10.40 4.01
N LYS B 5 40.27 -11.08 4.59
CA LYS B 5 39.33 -11.88 3.83
C LYS B 5 37.93 -11.24 3.83
N ILE B 6 37.65 -10.47 4.87
CA ILE B 6 36.26 -10.06 5.09
C ILE B 6 36.21 -8.77 5.90
N CYS B 7 35.24 -7.90 5.56
CA CYS B 7 35.00 -6.67 6.28
C CYS B 7 33.52 -6.70 6.70
N ILE B 8 33.24 -6.40 7.96
CA ILE B 8 31.85 -6.30 8.40
C ILE B 8 31.67 -4.83 8.67
N ALA B 9 30.68 -4.23 7.98
CA ALA B 9 30.43 -2.83 8.18
C ALA B 9 29.00 -2.58 8.61
N GLY B 10 28.80 -1.74 9.62
CA GLY B 10 27.43 -1.45 10.10
C GLY B 10 27.34 -1.45 11.62
N LYS B 11 26.19 -1.92 12.10
CA LYS B 11 25.83 -1.67 13.50
C LYS B 11 24.82 -2.69 14.02
N ASN B 12 24.72 -2.64 15.35
CA ASN B 12 23.63 -3.25 16.11
C ASN B 12 23.79 -4.76 16.20
N ASN B 13 22.82 -5.40 16.85
CA ASN B 13 22.96 -6.83 17.12
C ASN B 13 23.30 -7.64 15.87
N ILE B 14 22.73 -7.28 14.72
CA ILE B 14 22.98 -8.01 13.50
C ILE B 14 24.48 -8.01 13.12
N ALA B 15 25.07 -6.84 13.17
CA ALA B 15 26.50 -6.76 12.76
C ALA B 15 27.39 -7.53 13.76
N VAL B 16 27.15 -7.24 15.03
CA VAL B 16 27.92 -7.87 16.11
C VAL B 16 27.82 -9.40 16.10
N ASN B 17 26.61 -9.95 15.98
CA ASN B 17 26.42 -11.39 16.09
C ASN B 17 26.93 -12.07 14.84
N SER B 18 26.78 -11.40 13.70
CA SER B 18 27.34 -11.95 12.47
C SER B 18 28.86 -12.04 12.50
N LEU B 19 29.47 -10.99 13.02
CA LEU B 19 30.91 -10.92 13.18
C LEU B 19 31.39 -12.03 14.14
N GLN B 20 30.66 -12.20 15.23
CA GLN B 20 30.95 -13.26 16.20
C GLN B 20 30.85 -14.63 15.54
N PHE B 21 29.89 -14.83 14.67
CA PHE B 21 29.73 -16.09 13.98
C PHE B 21 30.88 -16.36 13.02
N ILE B 22 31.39 -15.33 12.36
CA ILE B 22 32.44 -15.66 11.39
C ILE B 22 33.76 -15.93 12.09
N LEU B 23 34.01 -15.16 13.14
CA LEU B 23 35.15 -15.31 14.03
C LEU B 23 35.16 -16.68 14.71
N LYS B 24 33.99 -17.24 15.00
CA LYS B 24 33.92 -18.56 15.61
C LYS B 24 34.06 -19.66 14.57
N ASN B 25 33.47 -19.49 13.40
CA ASN B 25 33.41 -20.57 12.42
C ASN B 25 34.24 -20.47 11.13
N TYR B 26 34.76 -19.29 10.76
CA TYR B 26 35.22 -19.12 9.38
C TYR B 26 36.57 -18.42 9.24
N PHE B 27 36.83 -17.39 10.04
CA PHE B 27 38.03 -16.58 9.90
C PHE B 27 38.56 -16.25 11.30
N GLU B 28 39.88 -16.16 11.45
CA GLU B 28 40.47 -15.65 12.66
C GLU B 28 40.49 -14.15 12.58
N ALA B 29 40.70 -13.54 13.74
CA ALA B 29 40.56 -12.11 13.92
C ALA B 29 41.47 -11.25 13.05
N ASP B 30 42.67 -11.76 12.77
CA ASP B 30 43.57 -11.01 11.90
C ASP B 30 43.21 -11.12 10.41
N GLN B 31 42.17 -11.86 10.04
CA GLN B 31 41.65 -11.97 8.70
C GLN B 31 40.40 -11.09 8.48
N ILE B 32 40.02 -10.36 9.52
CA ILE B 32 38.73 -9.64 9.51
C ILE B 32 38.99 -8.19 9.84
N VAL B 33 38.22 -7.30 9.20
CA VAL B 33 38.21 -5.90 9.57
C VAL B 33 36.76 -5.40 9.66
N VAL B 34 36.59 -4.30 10.38
CA VAL B 34 35.25 -3.75 10.65
C VAL B 34 35.21 -2.26 10.40
N ILE B 35 34.04 -1.78 9.97
CA ILE B 35 33.77 -0.37 9.80
C ILE B 35 32.47 -0.08 10.55
N PRO B 36 32.60 0.48 11.76
CA PRO B 36 31.40 0.91 12.50
C PRO B 36 30.77 2.12 11.84
N ASN B 37 29.52 2.32 12.22
CA ASN B 37 28.80 3.49 11.82
C ASN B 37 29.30 4.69 12.58
N LYS B 38 29.04 5.83 11.96
CA LYS B 38 29.53 7.13 12.43
C LYS B 38 29.07 7.41 13.84
N ASN B 39 27.84 7.04 14.19
CA ASN B 39 27.34 7.34 15.52
C ASN B 39 27.62 6.25 16.57
N ASP B 40 28.40 5.23 16.21
CA ASP B 40 28.78 4.21 17.18
C ASP B 40 29.78 4.80 18.16
N LYS B 41 29.40 4.97 19.42
CA LYS B 41 30.36 5.44 20.41
C LYS B 41 30.90 4.33 21.29
N GLY B 42 30.70 3.08 20.89
CA GLY B 42 31.39 1.97 21.55
C GLY B 42 30.70 1.59 22.85
N ILE B 43 29.44 2.00 22.98
CA ILE B 43 28.72 1.68 24.23
C ILE B 43 27.54 0.77 23.92
N ASP B 44 27.43 -0.36 24.60
CA ASP B 44 26.27 -1.23 24.48
C ASP B 44 25.08 -0.52 25.09
N SER B 45 23.95 -0.50 24.39
CA SER B 45 22.73 0.10 24.93
CA SER B 45 22.72 0.12 24.90
C SER B 45 21.63 -0.92 24.75
N TRP B 46 20.49 -0.55 24.14
CA TRP B 46 19.50 -1.52 23.80
C TRP B 46 19.92 -2.35 22.58
N GLN B 47 21.00 -1.93 21.90
CA GLN B 47 21.67 -2.84 20.97
C GLN B 47 23.17 -2.88 21.34
N LYS B 48 23.85 -3.91 20.88
CA LYS B 48 25.29 -4.04 21.08
C LYS B 48 26.04 -3.16 20.08
N SER B 49 27.20 -2.67 20.52
CA SER B 49 28.10 -1.80 19.79
C SER B 49 29.12 -2.64 18.99
N LEU B 50 29.18 -2.40 17.68
CA LEU B 50 30.14 -3.10 16.81
C LEU B 50 31.56 -2.66 17.14
N LEU B 51 31.75 -1.37 17.32
CA LEU B 51 33.03 -0.84 17.71
C LEU B 51 33.51 -1.54 19.00
N LYS B 52 32.64 -1.69 19.99
CA LYS B 52 33.07 -2.25 21.26
C LYS B 52 33.45 -3.70 21.09
N PHE B 53 32.66 -4.45 20.33
CA PHE B 53 33.03 -5.82 20.08
C PHE B 53 34.38 -5.95 19.39
N ALA B 54 34.61 -5.12 18.39
CA ALA B 54 35.88 -5.15 17.68
C ALA B 54 37.06 -4.81 18.59
N LEU B 55 36.94 -3.72 19.34
CA LEU B 55 37.96 -3.32 20.31
C LEU B 55 38.22 -4.44 21.30
N ASP B 56 37.16 -4.96 21.89
CA ASP B 56 37.29 -6.06 22.85
C ASP B 56 37.90 -7.31 22.25
N ASN B 57 37.80 -7.51 20.93
CA ASN B 57 38.31 -8.71 20.33
C ASN B 57 39.51 -8.48 19.39
N ASN B 58 40.13 -7.31 19.48
CA ASN B 58 41.33 -7.04 18.69
C ASN B 58 41.08 -7.28 17.19
N ILE B 59 39.90 -6.86 16.71
CA ILE B 59 39.60 -6.85 15.28
C ILE B 59 39.79 -5.41 14.81
N LYS B 60 40.61 -5.22 13.78
CA LYS B 60 40.97 -3.86 13.37
C LYS B 60 39.80 -3.06 12.79
N ILE B 61 39.73 -1.80 13.22
CA ILE B 61 38.80 -0.79 12.74
C ILE B 61 39.45 -0.13 11.53
N VAL B 62 38.75 -0.19 10.39
CA VAL B 62 39.19 0.49 9.19
C VAL B 62 38.13 1.42 8.56
N THR B 63 38.57 2.12 7.52
CA THR B 63 37.68 2.99 6.72
C THR B 63 37.52 2.32 5.36
N LEU B 64 36.52 2.72 4.58
CA LEU B 64 36.37 2.20 3.24
C LEU B 64 37.64 2.34 2.40
N ASP B 65 38.30 3.50 2.52
CA ASP B 65 39.53 3.78 1.76
C ASP B 65 40.56 2.69 1.96
N GLU B 66 40.62 2.11 3.15
CA GLU B 66 41.64 1.15 3.49
C GLU B 66 41.26 -0.20 2.96
N ILE B 67 40.03 -0.40 2.49
CA ILE B 67 39.72 -1.71 1.93
C ILE B 67 39.53 -1.75 0.41
N TYR B 68 39.36 -0.61 -0.21
CA TYR B 68 39.09 -0.57 -1.65
C TYR B 68 40.08 -1.41 -2.48
N ASN B 69 41.34 -1.42 -2.09
CA ASN B 69 42.34 -2.15 -2.87
C ASN B 69 42.60 -3.58 -2.48
N ILE B 70 41.80 -4.10 -1.56
CA ILE B 70 41.99 -5.46 -1.13
C ILE B 70 41.24 -6.33 -2.10
N GLU B 71 42.05 -6.95 -2.94
CA GLU B 71 41.47 -7.88 -3.88
C GLU B 71 40.77 -9.04 -3.17
N GLN B 72 39.64 -9.39 -3.74
CA GLN B 72 38.90 -10.54 -3.32
C GLN B 72 38.24 -10.40 -1.94
N ILE B 73 38.35 -9.23 -1.31
CA ILE B 73 37.76 -9.11 0.01
C ILE B 73 36.24 -9.26 -0.11
N ILE B 74 35.64 -9.84 0.93
CA ILE B 74 34.18 -9.95 1.04
C ILE B 74 33.73 -8.76 1.88
N PHE B 75 32.83 -7.92 1.35
CA PHE B 75 32.40 -6.74 2.06
C PHE B 75 30.90 -6.98 2.36
N PHE B 76 30.55 -6.89 3.65
CA PHE B 76 29.17 -7.08 4.09
C PHE B 76 28.71 -5.86 4.84
N SER B 77 27.57 -5.32 4.42
CA SER B 77 27.00 -4.14 5.07
C SER B 77 25.78 -4.71 5.84
N LEU B 78 25.79 -4.52 7.15
CA LEU B 78 24.78 -5.02 8.11
C LEU B 78 24.34 -3.81 8.86
N GLU B 79 23.38 -3.06 8.27
CA GLU B 79 22.95 -1.77 8.76
C GLU B 79 23.99 -0.67 8.69
N PHE B 80 24.80 -0.73 7.63
CA PHE B 80 25.77 0.31 7.39
C PHE B 80 25.12 1.64 6.94
N ASP B 81 25.80 2.75 7.27
CA ASP B 81 25.31 4.09 7.13
C ASP B 81 25.94 4.80 5.94
N GLN B 82 26.65 4.10 5.07
CA GLN B 82 27.22 4.81 3.92
C GLN B 82 26.81 4.18 2.61
N ILE B 83 26.59 4.99 1.57
CA ILE B 83 26.34 4.48 0.23
C ILE B 83 27.68 4.13 -0.46
N ILE B 84 27.78 2.95 -1.03
CA ILE B 84 28.99 2.39 -1.69
C ILE B 84 28.89 2.87 -3.15
N LYS B 85 30.08 3.11 -3.73
CA LYS B 85 30.24 3.28 -5.20
C LYS B 85 31.13 2.13 -5.62
N ILE B 86 30.61 1.19 -6.40
CA ILE B 86 31.25 -0.08 -6.58
C ILE B 86 32.56 0.12 -7.38
N GLU B 87 32.68 1.23 -8.09
CA GLU B 87 33.91 1.40 -8.89
C GLU B 87 35.12 1.77 -8.02
N ASN B 88 34.88 2.07 -6.74
CA ASN B 88 35.98 2.34 -5.85
C ASN B 88 36.68 1.06 -5.49
N PHE B 89 35.98 -0.05 -5.62
CA PHE B 89 36.45 -1.35 -5.14
C PHE B 89 37.09 -2.21 -6.22
N LYS B 90 38.21 -2.86 -5.91
CA LYS B 90 38.78 -3.90 -6.73
C LYS B 90 37.89 -5.14 -6.67
N SER B 91 37.41 -5.48 -5.47
CA SER B 91 36.56 -6.66 -5.24
C SER B 91 35.16 -6.38 -5.76
N ASP B 92 34.53 -7.43 -6.28
CA ASP B 92 33.11 -7.37 -6.63
C ASP B 92 32.22 -8.22 -5.70
N ARG B 93 32.75 -8.53 -4.53
CA ARG B 93 32.13 -9.41 -3.56
C ARG B 93 31.51 -8.51 -2.48
N LEU B 94 30.49 -7.72 -2.87
CA LEU B 94 29.95 -6.63 -2.05
C LEU B 94 28.47 -6.91 -1.75
N PHE B 95 28.14 -7.06 -0.46
CA PHE B 95 26.82 -7.57 -0.09
C PHE B 95 26.15 -6.72 0.96
N ASN B 96 24.82 -6.83 0.99
CA ASN B 96 24.04 -6.06 1.96
C ASN B 96 22.90 -6.94 2.37
N ILE B 97 22.50 -6.84 3.63
CA ILE B 97 21.21 -7.32 4.06
C ILE B 97 20.29 -6.13 4.36
N HIS B 98 19.24 -6.03 3.54
CA HIS B 98 18.26 -4.91 3.68
C HIS B 98 17.02 -5.47 4.41
N PHE B 99 16.52 -4.64 5.30
CA PHE B 99 15.38 -5.00 6.19
C PHE B 99 14.03 -4.79 5.47
N SER B 100 13.82 -5.45 4.35
CA SER B 100 12.47 -5.51 3.77
C SER B 100 12.40 -6.71 2.83
N ALA B 101 11.21 -7.05 2.38
CA ALA B 101 11.01 -8.03 1.31
C ALA B 101 11.14 -7.30 -0.03
N LEU B 102 12.39 -7.11 -0.47
CA LEU B 102 12.61 -6.46 -1.76
C LEU B 102 11.86 -7.20 -2.87
N PRO B 103 11.37 -6.48 -3.91
CA PRO B 103 11.70 -5.10 -4.23
C PRO B 103 10.93 -4.02 -3.49
N LYS B 104 10.01 -4.42 -2.60
CA LYS B 104 9.27 -3.40 -1.86
C LYS B 104 10.16 -2.81 -0.75
N TYR B 105 9.89 -1.54 -0.41
CA TYR B 105 10.41 -0.81 0.73
C TYR B 105 11.95 -0.78 0.77
N LYS B 106 12.50 -0.43 -0.41
CA LYS B 106 13.84 0.08 -0.50
C LYS B 106 13.90 1.33 0.37
N GLY B 107 15.11 1.70 0.79
CA GLY B 107 15.33 2.96 1.52
C GLY B 107 15.13 2.80 3.03
N VAL B 108 14.68 3.87 3.68
CA VAL B 108 14.81 4.04 5.11
C VAL B 108 13.56 3.57 5.91
N PHE B 109 13.80 3.49 7.22
CA PHE B 109 12.70 3.39 8.20
C PHE B 109 11.78 2.23 7.82
N THR B 110 12.33 1.06 7.45
CA THR B 110 11.51 -0.01 7.02
C THR B 110 10.82 -0.82 8.14
N SER B 111 11.02 -0.39 9.38
CA SER B 111 10.20 -0.85 10.51
CA SER B 111 10.19 -0.84 10.50
C SER B 111 8.90 -0.05 10.61
N ILE B 112 8.85 1.09 9.92
CA ILE B 112 7.70 2.00 9.88
C ILE B 112 6.93 1.83 8.59
N THR B 113 7.62 1.95 7.45
CA THR B 113 6.91 2.00 6.17
C THR B 113 5.95 0.85 5.80
N PRO B 114 6.29 -0.43 6.06
CA PRO B 114 5.40 -1.49 5.65
C PRO B 114 4.12 -1.43 6.53
N ILE B 115 4.31 -1.09 7.80
CA ILE B 115 3.17 -0.96 8.74
C ILE B 115 2.22 0.14 8.30
N LEU B 116 2.79 1.30 8.03
CA LEU B 116 2.01 2.44 7.59
C LEU B 116 1.31 2.22 6.28
N ASN B 117 1.86 1.38 5.42
CA ASN B 117 1.24 0.98 4.18
C ASN B 117 0.46 -0.34 4.19
N ASN B 118 0.04 -0.70 5.39
CA ASN B 118 -0.95 -1.71 5.64
C ASN B 118 -0.50 -3.13 5.33
N GLU B 119 0.81 -3.37 5.35
CA GLU B 119 1.30 -4.71 5.04
C GLU B 119 0.99 -5.69 6.19
N LEU B 120 0.82 -6.96 5.82
CA LEU B 120 0.72 -8.10 6.71
C LEU B 120 1.98 -8.93 6.89
N GLU B 121 2.98 -8.69 6.05
CA GLU B 121 4.25 -9.34 6.17
C GLU B 121 5.38 -8.43 5.74
N SER B 122 6.58 -8.80 6.13
CA SER B 122 7.80 -8.13 5.69
C SER B 122 8.84 -9.22 5.47
N GLY B 123 10.09 -8.83 5.39
CA GLY B 123 11.17 -9.79 5.17
C GLY B 123 12.52 -9.14 5.32
N VAL B 124 13.54 -10.00 5.25
CA VAL B 124 14.92 -9.55 5.09
C VAL B 124 15.42 -10.12 3.77
N THR B 125 16.30 -9.35 3.12
CA THR B 125 16.78 -9.70 1.78
C THR B 125 18.30 -9.48 1.73
N LEU B 126 19.01 -10.53 1.38
CA LEU B 126 20.46 -10.54 1.11
C LEU B 126 20.63 -10.31 -0.39
N HIS B 127 21.36 -9.26 -0.71
CA HIS B 127 21.57 -8.88 -2.09
C HIS B 127 23.00 -8.43 -2.34
N ARG B 128 23.34 -8.42 -3.62
CA ARG B 128 24.55 -7.78 -4.10
C ARG B 128 24.36 -6.30 -4.05
N ILE B 129 25.42 -5.61 -3.69
CA ILE B 129 25.38 -4.17 -3.73
C ILE B 129 25.71 -3.70 -5.16
N ASP B 130 24.82 -2.96 -5.81
CA ASP B 130 25.15 -2.10 -6.96
C ASP B 130 25.09 -0.63 -6.62
N ASN B 131 25.23 0.31 -7.55
CA ASN B 131 25.35 1.71 -7.20
C ASN B 131 24.01 2.34 -6.81
N GLY B 132 22.92 1.59 -6.96
CA GLY B 132 21.66 2.12 -6.49
C GLY B 132 21.36 1.68 -5.05
N ILE B 133 20.33 2.31 -4.51
CA ILE B 133 19.99 1.99 -3.12
C ILE B 133 19.07 0.79 -3.07
N ASP B 134 19.56 -0.34 -2.56
CA ASP B 134 18.81 -1.54 -2.28
C ASP B 134 18.28 -2.21 -3.55
N THR B 135 18.99 -1.94 -4.66
CA THR B 135 18.55 -2.30 -5.99
C THR B 135 19.26 -3.51 -6.58
N GLY B 136 20.40 -3.91 -6.03
CA GLY B 136 21.15 -5.05 -6.50
C GLY B 136 20.49 -6.42 -6.50
N ASN B 137 21.07 -7.35 -7.26
CA ASN B 137 20.48 -8.67 -7.36
C ASN B 137 20.29 -9.47 -6.07
N ILE B 138 19.09 -10.03 -5.94
CA ILE B 138 18.74 -10.78 -4.74
C ILE B 138 19.37 -12.19 -4.72
N ILE B 139 19.99 -12.48 -3.60
CA ILE B 139 20.66 -13.75 -3.31
C ILE B 139 19.74 -14.60 -2.50
N ASP B 140 19.09 -14.04 -1.47
CA ASP B 140 18.17 -14.84 -0.66
C ASP B 140 17.24 -13.89 0.06
N GLN B 141 16.08 -14.39 0.45
CA GLN B 141 15.07 -13.57 1.12
C GLN B 141 14.36 -14.45 2.09
N HIS B 142 14.01 -13.90 3.25
CA HIS B 142 13.12 -14.64 4.14
C HIS B 142 12.03 -13.67 4.60
N CYS B 143 10.80 -14.02 4.24
CA CYS B 143 9.57 -13.32 4.64
C CYS B 143 8.97 -13.86 5.93
N PHE B 144 8.33 -12.95 6.67
CA PHE B 144 7.74 -13.32 7.96
C PHE B 144 6.56 -12.37 8.21
N PRO B 145 5.68 -12.80 9.12
CA PRO B 145 4.55 -11.89 9.33
C PRO B 145 4.84 -10.66 10.15
N ILE B 146 4.06 -9.64 9.86
CA ILE B 146 3.93 -8.52 10.80
C ILE B 146 2.61 -8.85 11.52
N ASP B 147 2.72 -9.28 12.79
CA ASP B 147 1.54 -9.67 13.57
C ASP B 147 0.66 -8.44 13.72
N ILE B 148 -0.65 -8.62 13.80
CA ILE B 148 -1.57 -7.50 13.78
C ILE B 148 -1.27 -6.44 14.82
N ASN B 149 -0.77 -6.83 15.99
CA ASN B 149 -0.50 -5.84 17.02
C ASN B 149 0.97 -5.49 17.20
N ASP B 150 1.83 -5.98 16.29
CA ASP B 150 3.23 -5.56 16.32
C ASP B 150 3.38 -4.07 16.11
N THR B 151 4.34 -3.54 16.86
CA THR B 151 4.79 -2.19 16.68
C THR B 151 6.00 -2.16 15.75
N ALA B 152 6.41 -0.95 15.41
CA ALA B 152 7.63 -0.78 14.60
C ALA B 152 8.84 -1.44 15.32
N ARG B 153 8.90 -1.23 16.61
CA ARG B 153 9.98 -1.76 17.46
C ARG B 153 9.97 -3.25 17.34
N ASP B 154 8.81 -3.89 17.49
CA ASP B 154 8.69 -5.35 17.39
C ASP B 154 9.18 -5.85 16.03
N LEU B 155 8.74 -5.14 14.99
CA LEU B 155 9.16 -5.45 13.61
C LEU B 155 10.71 -5.26 13.46
N TYR B 156 11.30 -4.23 14.04
CA TYR B 156 12.76 -4.06 13.98
C TYR B 156 13.52 -5.21 14.61
N PHE B 157 13.04 -5.66 15.79
CA PHE B 157 13.70 -6.82 16.40
C PHE B 157 13.56 -8.10 15.59
N ASN B 158 12.48 -8.29 14.83
CA ASN B 158 12.37 -9.43 13.93
C ASN B 158 13.35 -9.26 12.76
N TYR B 159 13.55 -8.03 12.27
CA TYR B 159 14.57 -7.86 11.23
C TYR B 159 15.94 -8.26 11.75
N LEU B 160 16.26 -7.82 12.97
CA LEU B 160 17.57 -8.19 13.58
C LEU B 160 17.71 -9.72 13.60
N LYS B 161 16.66 -10.40 14.07
CA LYS B 161 16.64 -11.86 14.21
C LYS B 161 16.79 -12.58 12.88
N TYR B 162 15.91 -12.28 11.92
CA TYR B 162 15.87 -12.98 10.65
C TYR B 162 17.08 -12.54 9.80
N GLY B 163 17.51 -11.31 10.02
CA GLY B 163 18.66 -10.82 9.30
C GLY B 163 19.93 -11.57 9.70
N GLU B 164 20.11 -11.78 10.99
CA GLU B 164 21.25 -12.53 11.51
C GLU B 164 21.17 -13.95 10.97
N SER B 165 19.96 -14.54 11.00
CA SER B 165 19.79 -15.87 10.47
C SER B 165 20.12 -15.98 8.96
N ILE B 166 19.71 -15.03 8.13
CA ILE B 166 19.91 -15.14 6.69
C ILE B 166 21.41 -15.01 6.36
N PHE B 167 22.12 -14.28 7.19
CA PHE B 167 23.58 -14.16 7.05
C PHE B 167 24.20 -15.55 7.24
N LYS B 168 23.78 -16.24 8.28
CA LYS B 168 24.41 -17.52 8.57
C LYS B 168 24.07 -18.56 7.54
N LYS B 169 22.86 -18.47 7.04
CA LYS B 169 22.40 -19.37 6.02
C LYS B 169 23.23 -19.29 4.73
N ASN B 170 23.75 -18.11 4.39
CA ASN B 170 24.34 -17.83 3.08
C ASN B 170 25.85 -17.64 3.03
N ILE B 171 26.44 -17.53 4.21
CA ILE B 171 27.81 -17.07 4.36
C ILE B 171 28.76 -18.09 3.72
N GLN B 172 28.45 -19.38 3.85
CA GLN B 172 29.33 -20.41 3.26
C GLN B 172 29.40 -20.21 1.76
N THR B 173 28.25 -20.09 1.10
CA THR B 173 28.26 -19.91 -0.35
C THR B 173 28.84 -18.58 -0.79
N ILE B 174 28.83 -17.57 0.07
CA ILE B 174 29.52 -16.32 -0.31
C ILE B 174 31.02 -16.50 -0.27
N ILE B 175 31.48 -17.10 0.81
CA ILE B 175 32.91 -17.42 0.99
C ILE B 175 33.42 -18.29 -0.16
N ASN B 176 32.65 -19.29 -0.56
CA ASN B 176 33.10 -20.12 -1.66
CA ASN B 176 32.99 -20.15 -1.68
C ASN B 176 32.73 -19.52 -3.02
N ASN B 177 32.11 -18.34 -3.02
CA ASN B 177 31.66 -17.70 -4.23
C ASN B 177 30.89 -18.56 -5.21
N SER B 178 29.95 -19.38 -4.71
CA SER B 178 29.09 -20.22 -5.52
C SER B 178 27.63 -19.78 -5.44
N TYR B 179 27.40 -18.65 -4.78
CA TYR B 179 26.02 -18.18 -4.61
C TYR B 179 25.37 -17.84 -5.95
N LYS B 180 24.04 -17.95 -5.99
CA LYS B 180 23.21 -17.56 -7.13
C LYS B 180 22.35 -16.36 -6.76
N ASP B 181 22.02 -15.55 -7.76
CA ASP B 181 21.16 -14.40 -7.56
C ASP B 181 20.28 -14.12 -8.77
N LEU B 182 19.34 -13.19 -8.58
CA LEU B 182 18.33 -12.86 -9.56
C LEU B 182 18.07 -11.36 -9.50
N LYS B 183 18.02 -10.75 -10.67
CA LYS B 183 17.73 -9.35 -10.85
C LYS B 183 16.39 -9.02 -10.18
N GLN B 184 16.31 -7.88 -9.52
CA GLN B 184 15.03 -7.38 -9.06
C GLN B 184 14.09 -6.95 -10.17
N THR B 185 12.78 -7.18 -10.00
CA THR B 185 11.84 -6.69 -11.00
CA THR B 185 11.74 -6.71 -10.91
C THR B 185 11.56 -5.20 -10.79
N ASN B 186 11.04 -4.56 -11.83
CA ASN B 186 10.64 -3.18 -11.75
C ASN B 186 9.30 -3.09 -11.06
N ILE B 187 8.47 -4.11 -11.24
CA ILE B 187 7.08 -4.13 -10.71
C ILE B 187 7.17 -4.38 -9.22
N ASN B 188 6.27 -3.74 -8.48
CA ASN B 188 6.27 -3.74 -7.01
C ASN B 188 7.44 -3.06 -6.28
N SER B 189 8.41 -2.49 -6.99
CA SER B 189 9.54 -1.77 -6.38
C SER B 189 9.05 -0.45 -5.78
N SER B 190 9.37 -0.17 -4.51
CA SER B 190 8.91 1.01 -3.78
C SER B 190 10.12 1.43 -2.95
N TYR B 191 10.12 2.71 -2.60
CA TYR B 191 11.24 3.36 -1.93
C TYR B 191 10.77 4.51 -1.09
N PHE B 192 11.36 4.63 0.11
CA PHE B 192 11.15 5.78 0.96
C PHE B 192 12.46 6.41 1.40
N SER B 193 12.50 7.74 1.36
CA SER B 193 13.58 8.52 1.96
C SER B 193 13.13 9.20 3.25
N ARG B 194 14.07 9.76 4.00
CA ARG B 194 13.69 10.41 5.26
C ARG B 194 12.66 11.51 5.08
N LYS B 195 12.67 12.20 3.96
CA LYS B 195 11.68 13.24 3.72
C LYS B 195 10.26 12.74 3.61
N ASP B 196 10.02 11.49 3.25
CA ASP B 196 8.68 10.98 3.10
C ASP B 196 8.08 10.54 4.43
N ILE B 197 8.83 10.58 5.53
CA ILE B 197 8.27 10.10 6.80
C ILE B 197 8.34 11.25 7.80
N ASN B 198 7.19 11.62 8.34
CA ASN B 198 7.17 12.60 9.42
C ASN B 198 7.05 11.80 10.72
N LEU B 199 8.08 11.85 11.54
CA LEU B 199 8.09 11.03 12.75
C LEU B 199 7.16 11.59 13.82
N VAL B 200 6.64 12.78 13.60
CA VAL B 200 5.57 13.31 14.41
C VAL B 200 4.30 13.14 13.59
N HIS B 201 3.77 11.92 13.57
CA HIS B 201 2.65 11.57 12.72
C HIS B 201 1.37 12.13 13.32
N LYS B 202 0.63 12.87 12.51
CA LYS B 202 -0.69 13.37 12.88
C LYS B 202 -1.69 12.35 12.33
N ILE B 203 -2.39 11.64 13.21
CA ILE B 203 -3.30 10.57 12.80
C ILE B 203 -4.51 11.07 12.03
N ASN B 204 -4.82 10.44 10.89
CA ASN B 204 -6.01 10.74 10.16
C ASN B 204 -7.02 9.71 10.67
N PHE B 205 -7.99 10.20 11.44
CA PHE B 205 -9.08 9.35 11.93
C PHE B 205 -10.20 9.01 10.95
N LYS B 206 -10.28 9.71 9.82
CA LYS B 206 -11.27 9.46 8.81
C LYS B 206 -10.80 8.33 7.90
N LYS B 207 -10.61 7.18 8.52
CA LYS B 207 -9.93 6.03 7.97
C LYS B 207 -10.57 4.84 8.62
N THR B 208 -10.20 3.68 8.11
CA THR B 208 -10.64 2.44 8.73
C THR B 208 -9.93 2.17 10.09
N SER B 209 -10.52 1.33 10.93
CA SER B 209 -9.87 0.96 12.18
C SER B 209 -8.47 0.40 11.92
N PHE B 210 -8.36 -0.50 10.97
CA PHE B 210 -7.09 -1.09 10.52
C PHE B 210 -6.10 0.03 10.24
N GLU B 211 -6.50 1.02 9.46
CA GLU B 211 -5.59 2.11 9.08
C GLU B 211 -5.21 3.01 10.26
N ILE B 212 -6.18 3.34 11.13
CA ILE B 212 -5.86 4.12 12.31
C ILE B 212 -4.91 3.37 13.27
N HIS B 213 -5.14 2.08 13.50
CA HIS B 213 -4.25 1.22 14.25
C HIS B 213 -2.84 1.20 13.68
N ASN B 214 -2.79 1.01 12.35
CA ASN B 214 -1.47 0.97 11.64
C ASN B 214 -0.77 2.30 11.82
N GLN B 215 -1.46 3.42 11.71
CA GLN B 215 -0.86 4.72 11.88
C GLN B 215 -0.29 4.89 13.26
N ILE B 216 -0.93 4.32 14.28
CA ILE B 216 -0.41 4.42 15.63
C ILE B 216 0.80 3.53 15.81
N ARG B 217 0.68 2.25 15.47
CA ARG B 217 1.71 1.31 15.87
C ARG B 217 3.00 1.42 15.03
N ALA B 218 2.83 1.92 13.80
CA ALA B 218 3.98 2.23 12.94
C ALA B 218 4.98 3.20 13.61
N PHE B 219 4.58 4.04 14.56
CA PHE B 219 5.43 5.04 15.24
C PHE B 219 5.78 4.71 16.72
N ILE B 220 5.38 3.54 17.17
CA ILE B 220 5.74 3.08 18.49
C ILE B 220 7.13 2.42 18.41
N PHE B 221 8.09 3.20 18.89
CA PHE B 221 9.47 2.71 19.06
C PHE B 221 10.18 3.57 20.11
N GLN B 222 9.94 3.16 21.36
CA GLN B 222 10.06 4.09 22.45
C GLN B 222 11.45 4.70 22.60
N GLU B 223 12.51 3.98 22.22
CA GLU B 223 13.85 4.60 22.19
C GLU B 223 13.96 5.92 21.40
N TYR B 224 13.07 6.08 20.44
CA TYR B 224 12.99 7.24 19.58
C TYR B 224 11.79 8.12 19.90
N GLN B 225 10.60 7.54 19.73
CA GLN B 225 9.39 8.26 19.93
C GLN B 225 8.20 7.32 20.15
N LEU B 226 7.13 7.97 20.62
CA LEU B 226 5.80 7.36 20.73
C LEU B 226 4.79 8.32 20.13
N PRO B 227 3.75 7.74 19.50
CA PRO B 227 2.68 8.55 18.94
C PRO B 227 1.91 9.22 20.11
N ILE B 228 1.33 10.38 19.85
CA ILE B 228 0.62 11.14 20.89
C ILE B 228 -0.84 11.33 20.44
N ILE B 229 -1.80 10.91 21.28
CA ILE B 229 -3.24 11.12 21.02
C ILE B 229 -3.80 11.94 22.17
N ASN B 230 -4.49 13.08 21.91
CA ASN B 230 -4.98 13.92 22.97
C ASN B 230 -3.95 14.16 24.07
N ASN B 231 -2.78 14.58 23.64
CA ASN B 231 -1.67 14.86 24.54
C ASN B 231 -1.30 13.74 25.52
N SER B 232 -1.41 12.47 25.08
CA SER B 232 -0.95 11.35 25.85
C SER B 232 -0.11 10.48 24.91
N LYS B 233 1.05 10.08 25.38
CA LYS B 233 1.87 9.13 24.65
C LYS B 233 1.25 7.76 24.67
N ILE B 234 1.33 7.04 23.54
CA ILE B 234 0.75 5.74 23.36
C ILE B 234 1.84 4.70 23.24
N ILE B 235 1.74 3.64 24.02
CA ILE B 235 2.75 2.56 24.06
C ILE B 235 2.30 1.30 23.33
N LYS B 236 1.00 1.14 23.09
CA LYS B 236 0.56 -0.06 22.43
C LYS B 236 -0.80 0.15 21.79
N SER B 237 -1.03 -0.48 20.64
CA SER B 237 -2.34 -0.44 20.01
C SER B 237 -2.85 -1.84 19.81
N ILE B 238 -4.12 -2.10 20.14
CA ILE B 238 -4.65 -3.46 19.98
C ILE B 238 -5.90 -3.41 19.13
N LEU B 239 -5.86 -4.08 17.98
CA LEU B 239 -7.00 -4.08 17.06
C LEU B 239 -7.76 -5.37 17.17
N ALA B 240 -9.07 -5.29 17.42
CA ALA B 240 -9.94 -6.46 17.46
C ALA B 240 -10.99 -6.48 16.34
N ASN B 241 -11.57 -7.66 16.08
CA ASN B 241 -12.70 -7.85 15.16
C ASN B 241 -14.09 -7.47 15.65
N GLU B 242 -14.17 -6.98 16.86
CA GLU B 242 -15.41 -6.61 17.52
C GLU B 242 -15.86 -5.28 16.90
N PHE B 243 -17.10 -5.28 16.45
CA PHE B 243 -17.75 -4.07 15.99
C PHE B 243 -18.32 -3.31 17.17
N ILE B 244 -17.99 -2.04 17.25
CA ILE B 244 -18.39 -1.12 18.32
C ILE B 244 -19.12 0.16 17.91
N GLY B 245 -19.46 0.25 16.62
CA GLY B 245 -20.06 1.41 16.09
C GLY B 245 -19.03 2.21 15.29
N TYR B 246 -19.49 3.06 14.41
CA TYR B 246 -18.58 3.84 13.54
C TYR B 246 -17.95 5.03 14.24
N ASN B 247 -16.67 5.30 13.99
CA ASN B 247 -16.09 6.59 14.41
C ASN B 247 -16.20 6.87 15.93
N VAL B 248 -15.91 5.84 16.70
CA VAL B 248 -15.76 5.94 18.17
C VAL B 248 -14.47 6.61 18.56
N PHE B 249 -14.54 7.58 19.48
CA PHE B 249 -13.35 8.06 20.15
C PHE B 249 -13.70 8.42 21.59
N GLU B 250 -13.09 7.68 22.52
CA GLU B 250 -13.34 7.96 23.94
C GLU B 250 -12.05 7.84 24.73
N GLU B 251 -11.75 8.87 25.53
CA GLU B 251 -10.53 8.89 26.34
C GLU B 251 -10.80 8.41 27.76
N PHE B 252 -9.99 7.48 28.24
CA PHE B 252 -10.07 6.98 29.61
C PHE B 252 -8.71 7.23 30.27
N GLU B 253 -8.65 6.99 31.60
CA GLU B 253 -7.43 7.34 32.31
CA GLU B 253 -7.43 7.33 32.32
C GLU B 253 -6.24 6.59 31.71
N ASN B 254 -6.44 5.31 31.39
CA ASN B 254 -5.35 4.46 30.99
C ASN B 254 -5.25 4.11 29.49
N TYR B 255 -6.20 4.57 28.68
CA TYR B 255 -6.26 4.09 27.28
C TYR B 255 -7.35 4.93 26.58
N PHE B 256 -7.32 4.88 25.23
CA PHE B 256 -8.42 5.34 24.38
C PHE B 256 -9.09 4.12 23.77
N ILE B 257 -10.42 4.25 23.61
CA ILE B 257 -11.15 3.37 22.75
C ILE B 257 -11.53 4.12 21.49
N ILE B 258 -11.20 3.53 20.33
CA ILE B 258 -11.25 4.15 19.01
C ILE B 258 -11.82 3.18 18.00
N SER B 259 -12.69 3.64 17.11
CA SER B 259 -12.96 2.90 15.87
C SER B 259 -12.96 3.92 14.73
N GLY B 260 -12.68 3.44 13.53
CA GLY B 260 -12.77 4.20 12.33
C GLY B 260 -14.09 4.02 11.59
N ILE B 261 -14.02 4.24 10.28
CA ILE B 261 -15.21 4.27 9.45
C ILE B 261 -15.94 2.95 9.35
N ASP B 262 -15.26 1.85 9.66
CA ASP B 262 -15.78 0.51 9.59
C ASP B 262 -16.08 -0.06 11.01
N GLY B 263 -15.80 0.71 12.04
CA GLY B 263 -16.30 0.48 13.42
C GLY B 263 -15.66 -0.63 14.19
N PHE B 264 -14.47 -1.13 13.83
CA PHE B 264 -13.76 -2.12 14.63
C PHE B 264 -12.98 -1.50 15.83
N LYS B 265 -13.06 -2.20 16.95
CA LYS B 265 -12.45 -1.73 18.17
C LYS B 265 -10.94 -1.74 18.18
N ILE B 266 -10.45 -0.55 18.51
CA ILE B 266 -9.04 -0.37 18.86
C ILE B 266 -8.94 0.08 20.32
N ILE B 267 -7.98 -0.50 21.01
CA ILE B 267 -7.56 0.02 22.31
C ILE B 267 -6.14 0.58 22.20
N ALA B 268 -6.02 1.86 22.49
CA ALA B 268 -4.73 2.52 22.40
C ALA B 268 -4.32 2.78 23.85
N GLN B 269 -3.29 2.04 24.29
CA GLN B 269 -2.85 2.04 25.68
CA GLN B 269 -2.83 2.07 25.68
CA GLN B 269 -2.92 2.08 25.70
C GLN B 269 -1.93 3.22 25.94
N LYS B 270 -2.21 4.04 26.95
CA LYS B 270 -1.35 5.14 27.36
C LYS B 270 -0.08 4.65 28.10
N LEU B 271 1.02 5.33 27.83
CA LEU B 271 2.31 5.06 28.46
C LEU B 271 2.18 5.27 29.95
N ASN B 272 1.30 6.18 30.40
CA ASN B 272 1.24 6.40 31.84
C ASN B 272 0.61 5.28 32.64
N LYS B 273 0.01 4.31 31.95
CA LYS B 273 -0.66 3.23 32.65
C LYS B 273 0.40 2.47 33.47
N LEU B 274 0.10 2.22 34.75
CA LEU B 274 1.05 1.59 35.67
C LEU B 274 1.28 0.14 35.27
N1 1YA C . -24.90 4.32 1.86
C2 1YA C . -24.44 3.58 2.87
NA2 1YA C . -24.90 3.86 4.12
N3 1YA C . -23.58 2.55 2.77
C4 1YA C . -23.03 2.29 1.55
O4 1YA C . -22.23 1.23 1.53
C4A 1YA C . -23.50 2.96 0.44
N5 1YA C . -22.97 2.71 -0.81
C6 1YA C . -22.96 3.80 -1.71
C7 1YA C . -24.33 4.48 -1.76
N8 1YA C . -24.79 4.75 -0.40
C8A 1YA C . -24.38 4.02 0.63
C9 1YA C . -21.85 4.65 -1.12
N10 1YA C . -21.58 5.89 -1.79
C11 1YA C . -21.08 9.71 -0.08
C12 1YA C . -20.34 8.58 0.25
C13 1YA C . -20.54 7.34 -0.32
C14 1YA C . -21.56 7.16 -1.23
C15 1YA C . -22.30 8.28 -1.60
C16 1YA C . -22.12 9.55 -1.01
C17 1YA C . -20.62 10.95 0.66
N 1YA C . -19.26 11.10 0.71
CA 1YA C . -18.34 12.06 1.36
CB 1YA C . -18.27 11.47 2.76
CG 1YA C . -19.32 12.03 3.74
CD 1YA C . -19.03 11.42 5.08
OE1 1YA C . -17.95 11.68 5.65
OE2 1YA C . -19.88 10.65 5.60
CT 1YA C . -16.86 12.34 1.04
O2 1YA C . -16.47 13.53 0.99
O1 1YA C . -15.94 11.49 0.89
C18 1YA C . -21.08 5.88 -3.13
O5 1YA C . -20.85 4.81 -3.72
O 1YA C . -21.48 11.70 1.12
O6 DAU D . -20.58 11.24 -5.13
C6 DAU D . -20.13 11.13 -6.47
C5 DAU D . -19.68 9.68 -6.61
O5 DAU D . -18.68 9.43 -5.60
C4 DAU D . -20.85 8.71 -6.47
O4 DAU D . -21.78 9.05 -7.47
C3 DAU D . -20.33 7.31 -6.69
O3 DAU D . -21.30 6.31 -6.33
C2 DAU D . -19.16 7.10 -5.73
O2 DAU D . -18.63 5.80 -6.00
C1 DAU D . -18.05 8.18 -5.86
O1 DAU D . -17.53 8.02 -7.18
P2 DAU D . -15.99 8.58 -7.38
O3P DAU D . -15.33 7.63 -8.36
O4P DAU D . -15.41 8.95 -6.09
OPP DAU D . -16.42 10.03 -8.04
P DAU D . -16.98 10.33 -9.50
O1P DAU D . -17.13 11.82 -9.32
O2P DAU D . -18.04 9.45 -10.06
O5' DAU D . -15.68 10.04 -10.46
C5' DAU D . -15.43 8.79 -11.13
C4' DAU D . -13.92 8.68 -11.39
O4' DAU D . -13.49 9.78 -12.17
C3' DAU D . -13.08 8.76 -10.14
O3' DAU D . -12.89 7.46 -9.62
C2' DAU D . -11.70 9.27 -10.65
C1' DAU D . -12.19 10.19 -11.73
N11 DAU D . -12.18 11.62 -11.39
C61 DAU D . -13.29 12.19 -10.84
C51 DAU D . -13.30 13.55 -10.54
C5A DAU D . -14.55 14.19 -10.00
C21 DAU D . -11.10 12.34 -11.62
O21 DAU D . -10.07 11.81 -12.08
N31 DAU D . -11.08 13.66 -11.35
C41 DAU D . -12.19 14.26 -10.85
O41 DAU D . -12.16 15.47 -10.60
S1 MPO E . 7.31 19.04 -12.60
O1 MPO E . 6.68 17.70 -12.72
O2 MPO E . 6.43 20.08 -13.19
O4 MPO E . 13.83 15.56 -11.26
N1 MPO E . 12.19 17.54 -12.28
C1 MPO E . 8.86 19.15 -13.21
O3 MPO E . 7.43 19.27 -11.13
C2 MPO E . 9.83 18.19 -12.53
C3 MPO E . 11.28 18.45 -12.95
C4 MPO E . 13.62 17.71 -12.52
C5 MPO E . 14.51 16.71 -11.77
C6 MPO E . 12.79 16.05 -10.42
C7 MPO E . 11.73 16.45 -11.44
C1 EDO F . -1.43 11.74 -2.17
O1 EDO F . -0.61 11.58 -3.34
C2 EDO F . -2.85 12.09 -2.60
O2 EDO F . -3.04 13.47 -2.98
N1 1YA G . 25.33 1.19 -1.07
C2 1YA G . 24.84 1.03 -2.30
NA2 1YA G . 25.40 1.62 -3.38
N3 1YA G . 23.81 0.18 -2.58
C4 1YA G . 23.23 -0.47 -1.53
O4 1YA G . 22.24 -1.28 -1.85
C4A 1YA G . 23.67 -0.34 -0.24
N5 1YA G . 23.04 -0.96 0.81
C6 1YA G . 23.22 -0.23 2.03
C7 1YA G . 24.64 0.22 2.36
N8 1YA G . 25.18 0.88 1.17
C8A 1YA G . 24.70 0.56 -0.04
C9 1YA G . 22.21 0.88 1.82
N10 1YA G . 22.07 1.80 2.94
C11 1YA G . 22.98 5.84 2.28
C12 1YA G . 22.22 5.10 1.36
C13 1YA G . 21.90 3.75 1.57
C14 1YA G . 22.36 3.15 2.74
C15 1YA G . 23.12 3.89 3.64
C16 1YA G . 23.44 5.23 3.44
C17 1YA G . 23.31 7.28 2.00
N 1YA G . 24.35 7.70 2.72
CA 1YA G . 25.12 8.93 2.93
CB 1YA G . 26.26 8.90 1.92
CG 1YA G . 27.32 7.88 2.36
CD 1YA G . 28.75 8.37 2.32
OE1 1YA G . 29.28 8.44 1.18
OE2 1YA G . 29.37 8.65 3.37
CT 1YA G . 24.33 10.20 2.99
O2 1YA G . 23.41 10.39 2.16
O1 1YA G . 24.63 10.99 3.91
C18 1YA G . 21.60 1.42 4.22
O5 1YA G . 21.19 0.27 4.39
O 1YA G . 22.67 7.85 1.12
O6 DAU H . 21.81 5.66 8.04
C6 DAU H . 21.28 5.22 9.30
C5 DAU H . 20.63 3.88 8.96
O5 DAU H . 19.58 4.03 7.99
C4 DAU H . 21.64 2.90 8.39
O4 DAU H . 22.71 2.72 9.32
C3 DAU H . 20.94 1.59 8.05
O3 DAU H . 21.79 0.64 7.36
C2 DAU H . 19.68 1.77 7.21
O2 DAU H . 18.91 0.57 7.05
C1 DAU H . 18.77 2.91 7.68
O1 DAU H . 18.20 2.44 8.87
P2 DAU H . 16.85 3.11 9.42
O3P DAU H . 15.98 1.97 9.94
O4P DAU H . 16.27 3.97 8.35
OPP DAU H . 17.39 4.12 10.57
P DAU H . 17.95 3.76 12.01
O1P DAU H . 18.32 5.15 12.47
O2P DAU H . 18.84 2.53 12.01
O5' DAU H . 16.64 3.39 12.93
C5' DAU H . 16.23 2.03 12.93
C4' DAU H . 14.71 2.07 13.24
O4' DAU H . 14.39 2.90 14.36
C3' DAU H . 13.82 2.58 12.11
O3' DAU H . 13.53 1.63 11.09
C2' DAU H . 12.56 3.02 12.90
C1' DAU H . 13.12 3.53 14.19
N11 DAU H . 13.39 4.97 14.32
C61 DAU H . 14.61 5.53 14.08
C51 DAU H . 14.84 6.89 14.24
C5A DAU H . 16.22 7.44 13.90
C21 DAU H . 12.38 5.67 14.79
O21 DAU H . 11.27 5.10 15.01
N31 DAU H . 12.55 6.99 14.97
C41 DAU H . 13.76 7.63 14.72
O41 DAU H . 13.78 8.85 14.93
S1 MPO I . -5.32 13.89 18.49
O1 MPO I . -4.81 12.54 18.08
O2 MPO I . -5.39 14.70 17.25
O4 MPO I . -12.15 12.82 15.32
N1 MPO I . -10.21 13.27 17.34
C1 MPO I . -6.89 13.89 19.09
O3 MPO I . -4.36 14.44 19.45
C2 MPO I . -7.93 13.38 18.11
C3 MPO I . -9.41 13.54 18.53
C4 MPO I . -10.44 14.29 16.32
C5 MPO I . -10.96 13.58 15.06
C6 MPO I . -12.12 12.02 16.50
C7 MPO I . -10.74 11.94 17.11
#